data_5XHW
#
_entry.id   5XHW
#
_cell.length_a   81.070
_cell.length_b   81.070
_cell.length_c   52.960
_cell.angle_alpha   90.00
_cell.angle_beta   90.00
_cell.angle_gamma   90.00
#
_symmetry.space_group_name_H-M   'P 43'
#
loop_
_entity.id
_entity.type
_entity.pdbx_description
1 polymer 'Putative 6-deoxy-D-mannoheptose pathway protein'
2 non-polymer 'SULFATE ION'
3 water water
#
_entity_poly.entity_id   1
_entity_poly.type   'polypeptide(L)'
_entity_poly.pdbx_seq_one_letter_code
;(MSE)HHHHHHGGGGG(MSE)YDVVILAGGLGTRLKSVSGDIPKP(MSE)VDISGKPFLYRL(MSE)EYLEDQGVQRIIL
SLSYKADYIIDSLIKDNPVNSKVDFIIENEPLGTGGAIKNACKYIEASKFIVINGDTYCELDYKKFIESSLDSDLQISGV
EVDDVCRYGSLDIDHDFHVNSIVEKGHQGTGIINSGTYILSKKIIEDYPHDKFSFELDFLPKFTGVFKAFVTKAYFIDIG
IPEDYYKACEKFK
;
_entity_poly.pdbx_strand_id   A
#
loop_
_chem_comp.id
_chem_comp.type
_chem_comp.name
_chem_comp.formula
SO4 non-polymer 'SULFATE ION' 'O4 S -2'
#
# COMPACT_ATOMS: atom_id res chain seq x y z
N MSE A 13 7.45 -4.24 15.74
CA MSE A 13 7.08 -4.28 14.32
C MSE A 13 5.62 -4.68 14.18
O MSE A 13 5.19 -5.72 14.71
CB MSE A 13 7.97 -5.23 13.53
CG MSE A 13 7.54 -5.45 12.08
SE MSE A 13 7.70 -3.89 10.92
CE MSE A 13 9.59 -3.47 11.19
N TYR A 14 4.86 -3.86 13.47
CA TYR A 14 3.41 -4.04 13.35
C TYR A 14 3.03 -5.09 12.33
N ASP A 15 1.81 -5.61 12.44
CA ASP A 15 1.21 -6.39 11.36
C ASP A 15 1.12 -5.55 10.08
N VAL A 16 1.19 -6.21 8.93
CA VAL A 16 1.04 -5.53 7.63
C VAL A 16 -0.18 -6.05 6.86
N VAL A 17 -1.08 -5.13 6.50
CA VAL A 17 -2.17 -5.46 5.60
C VAL A 17 -1.78 -5.02 4.19
N ILE A 18 -1.83 -5.94 3.23
CA ILE A 18 -1.60 -5.62 1.82
C ILE A 18 -2.91 -5.65 1.07
N LEU A 19 -3.23 -4.53 0.43
CA LEU A 19 -4.48 -4.40 -0.30
C LEU A 19 -4.26 -4.87 -1.72
N ALA A 20 -4.77 -6.05 -2.05
CA ALA A 20 -4.59 -6.59 -3.40
C ALA A 20 -5.88 -6.53 -4.21
N GLY A 21 -6.98 -6.17 -3.57
CA GLY A 21 -8.26 -6.01 -4.26
C GLY A 21 -8.42 -4.61 -4.81
N GLY A 22 -9.36 -4.45 -5.75
CA GLY A 22 -9.67 -3.15 -6.32
C GLY A 22 -8.57 -2.40 -7.05
N LEU A 23 -7.58 -3.16 -7.52
CA LEU A 23 -6.46 -2.58 -8.25
C LEU A 23 -6.67 -2.67 -9.75
N GLY A 24 -7.75 -3.31 -10.17
CA GLY A 24 -8.03 -3.45 -11.59
C GLY A 24 -6.95 -4.27 -12.26
N THR A 25 -7.11 -4.46 -13.55
CA THR A 25 -6.17 -5.24 -14.32
C THR A 25 -5.51 -4.54 -15.55
N ARG A 26 -5.67 -3.24 -15.69
CA ARG A 26 -5.07 -2.51 -16.81
C ARG A 26 -3.65 -2.06 -16.62
N LEU A 27 -3.07 -1.65 -17.75
CA LEU A 27 -1.79 -1.01 -17.84
C LEU A 27 -2.18 0.12 -18.79
N LYS A 28 -2.36 1.32 -18.25
CA LYS A 28 -2.78 2.45 -19.06
C LYS A 28 -4.11 2.05 -19.70
N SER A 29 -4.24 2.29 -20.99
CA SER A 29 -5.43 1.92 -21.72
C SER A 29 -5.67 0.43 -21.87
N VAL A 30 -4.61 -0.36 -21.80
CA VAL A 30 -4.71 -1.78 -22.02
C VAL A 30 -5.15 -2.60 -20.85
N SER A 31 -6.32 -3.17 -21.02
CA SER A 31 -6.96 -4.01 -20.05
C SER A 31 -6.43 -5.45 -20.07
N GLY A 32 -6.09 -5.97 -18.90
CA GLY A 32 -5.55 -7.31 -18.72
C GLY A 32 -6.40 -8.20 -17.86
N ASP A 33 -5.97 -9.43 -17.62
CA ASP A 33 -6.68 -10.39 -16.80
C ASP A 33 -5.97 -10.85 -15.53
N ILE A 34 -4.70 -10.62 -15.48
CA ILE A 34 -3.80 -10.95 -14.38
C ILE A 34 -4.00 -9.90 -13.29
N PRO A 35 -4.16 -10.34 -12.05
CA PRO A 35 -4.30 -9.42 -10.92
C PRO A 35 -2.96 -8.70 -10.89
N LYS A 36 -2.99 -7.37 -10.92
CA LYS A 36 -1.77 -6.58 -10.94
C LYS A 36 -0.66 -7.03 -9.99
N PRO A 37 -1.03 -7.52 -8.81
CA PRO A 37 -0.04 -7.99 -7.84
C PRO A 37 0.66 -9.27 -8.32
N MSE A 38 0.07 -10.01 -9.26
CA MSE A 38 0.69 -11.24 -9.74
C MSE A 38 1.47 -11.11 -11.06
O MSE A 38 1.88 -12.11 -11.64
CB MSE A 38 -0.40 -12.30 -9.90
CG MSE A 38 -1.07 -12.69 -8.57
SE MSE A 38 0.22 -13.34 -7.25
CE MSE A 38 0.56 -15.09 -8.06
N VAL A 39 1.65 -9.88 -11.53
CA VAL A 39 2.46 -9.67 -12.73
C VAL A 39 3.89 -10.17 -12.53
N ASP A 40 4.41 -10.93 -13.50
CA ASP A 40 5.75 -11.49 -13.38
C ASP A 40 6.83 -10.41 -13.46
N ILE A 41 7.72 -10.41 -12.49
CA ILE A 41 8.83 -9.48 -12.47
C ILE A 41 10.12 -10.31 -12.46
N SER A 42 10.67 -10.52 -13.66
CA SER A 42 11.88 -11.32 -13.86
C SER A 42 11.91 -12.63 -13.08
N GLY A 43 10.88 -13.44 -13.24
CA GLY A 43 10.90 -14.78 -12.69
C GLY A 43 10.01 -14.99 -11.46
N LYS A 44 9.56 -13.90 -10.84
CA LYS A 44 8.70 -13.97 -9.64
C LYS A 44 7.54 -12.97 -9.75
N PRO A 45 6.36 -13.34 -9.24
CA PRO A 45 5.24 -12.38 -9.20
C PRO A 45 5.64 -11.13 -8.41
N PHE A 46 5.08 -9.98 -8.77
CA PHE A 46 5.36 -8.73 -8.07
C PHE A 46 5.06 -8.84 -6.56
N LEU A 47 3.92 -9.43 -6.23
CA LEU A 47 3.55 -9.60 -4.81
C LEU A 47 4.63 -10.36 -4.02
N TYR A 48 5.26 -11.35 -4.63
CA TYR A 48 6.29 -12.12 -3.92
C TYR A 48 7.51 -11.30 -3.60
N ARG A 49 7.93 -10.45 -4.54
CA ARG A 49 9.06 -9.58 -4.27
C ARG A 49 8.74 -8.60 -3.14
N LEU A 50 7.51 -8.09 -3.13
CA LEU A 50 7.07 -7.20 -2.06
C LEU A 50 7.14 -7.91 -0.69
N MSE A 51 6.55 -9.10 -0.62
CA MSE A 51 6.56 -9.87 0.63
C MSE A 51 7.97 -10.26 1.07
O MSE A 51 8.27 -10.22 2.27
CB MSE A 51 5.69 -11.13 0.51
CG MSE A 51 4.22 -10.82 0.31
SE MSE A 51 3.23 -12.40 -0.24
CE MSE A 51 3.27 -13.35 1.48
N GLU A 52 8.84 -10.62 0.13
CA GLU A 52 10.24 -10.90 0.47
C GLU A 52 10.91 -9.68 1.13
N TYR A 53 10.66 -8.49 0.60
CA TYR A 53 11.24 -7.27 1.18
C TYR A 53 10.71 -7.04 2.60
N LEU A 54 9.40 -7.20 2.79
CA LEU A 54 8.79 -7.05 4.10
C LEU A 54 9.42 -8.04 5.11
N GLU A 55 9.58 -9.30 4.72
CA GLU A 55 10.24 -10.28 5.59
C GLU A 55 11.65 -9.82 5.95
N ASP A 56 12.39 -9.31 4.97
CA ASP A 56 13.74 -8.76 5.22
C ASP A 56 13.73 -7.62 6.24
N GLN A 57 12.63 -6.86 6.28
CA GLN A 57 12.49 -5.75 7.20
C GLN A 57 12.04 -6.21 8.59
N GLY A 58 11.69 -7.48 8.71
CA GLY A 58 11.30 -8.02 10.00
C GLY A 58 9.81 -8.25 10.20
N VAL A 59 9.02 -8.13 9.13
CA VAL A 59 7.58 -8.34 9.25
C VAL A 59 7.27 -9.80 9.60
N GLN A 60 6.48 -10.01 10.65
CA GLN A 60 6.18 -11.34 11.15
C GLN A 60 4.80 -11.82 10.76
N ARG A 61 3.92 -10.88 10.42
CA ARG A 61 2.56 -11.24 10.06
C ARG A 61 2.00 -10.37 8.93
N ILE A 62 1.57 -11.03 7.85
CA ILE A 62 1.02 -10.36 6.70
C ILE A 62 -0.43 -10.78 6.52
N ILE A 63 -1.28 -9.81 6.27
CA ILE A 63 -2.70 -10.04 6.02
C ILE A 63 -2.97 -9.64 4.57
N LEU A 64 -3.39 -10.58 3.74
CA LEU A 64 -3.65 -10.28 2.33
C LEU A 64 -5.13 -10.05 2.06
N SER A 65 -5.52 -8.81 1.79
CA SER A 65 -6.91 -8.51 1.49
C SER A 65 -7.10 -8.78 0.01
N LEU A 66 -7.98 -9.72 -0.33
CA LEU A 66 -8.17 -10.04 -1.75
C LEU A 66 -9.60 -9.94 -2.29
N SER A 67 -9.72 -9.53 -3.55
CA SER A 67 -11.03 -9.37 -4.17
C SER A 67 -11.00 -10.12 -5.50
N TYR A 68 -10.44 -9.50 -6.53
CA TYR A 68 -10.36 -10.11 -7.80
C TYR A 68 -9.45 -11.31 -7.85
N LYS A 69 -9.98 -12.47 -8.23
CA LYS A 69 -9.18 -13.69 -8.33
C LYS A 69 -8.35 -14.01 -7.06
N ALA A 70 -9.02 -14.06 -5.93
CA ALA A 70 -8.38 -14.38 -4.65
C ALA A 70 -7.81 -15.80 -4.69
N ASP A 71 -8.58 -16.73 -5.24
CA ASP A 71 -8.15 -18.13 -5.35
C ASP A 71 -6.88 -18.42 -6.15
N TYR A 72 -6.83 -17.89 -7.26
CA TYR A 72 -5.61 -17.92 -8.09
C TYR A 72 -4.41 -17.49 -7.27
N ILE A 73 -4.56 -16.39 -6.55
CA ILE A 73 -3.49 -15.86 -5.71
C ILE A 73 -3.19 -16.78 -4.52
N ILE A 74 -4.25 -17.30 -3.91
CA ILE A 74 -4.11 -18.19 -2.77
C ILE A 74 -3.38 -19.44 -3.26
N ASP A 75 -3.95 -20.09 -4.28
CA ASP A 75 -3.35 -21.27 -4.86
C ASP A 75 -1.86 -21.01 -5.06
N SER A 76 -1.52 -19.85 -5.62
CA SER A 76 -0.13 -19.49 -5.86
C SER A 76 0.75 -19.55 -4.61
N LEU A 77 0.33 -18.88 -3.54
CA LEU A 77 1.12 -18.82 -2.31
C LEU A 77 1.34 -20.17 -1.67
N ILE A 78 0.33 -21.04 -1.78
CA ILE A 78 0.42 -22.39 -1.22
C ILE A 78 1.56 -23.08 -1.97
N LYS A 79 1.43 -23.09 -3.30
CA LYS A 79 2.44 -23.67 -4.17
C LYS A 79 3.74 -23.02 -3.81
N ASP A 80 3.87 -21.71 -3.84
CA ASP A 80 5.18 -21.18 -3.46
C ASP A 80 5.15 -20.08 -2.41
N ASN A 81 5.54 -20.37 -1.17
CA ASN A 81 5.57 -19.32 -0.15
C ASN A 81 6.94 -18.64 -0.12
N PRO A 82 7.01 -17.43 -0.70
CA PRO A 82 8.26 -16.67 -0.79
C PRO A 82 8.76 -16.21 0.57
N VAL A 83 7.93 -16.35 1.60
CA VAL A 83 8.32 -15.90 2.93
C VAL A 83 7.85 -16.81 4.05
N ASN A 84 8.52 -16.72 5.18
CA ASN A 84 8.22 -17.49 6.34
C ASN A 84 7.37 -16.62 7.26
N SER A 85 6.95 -15.43 6.85
CA SER A 85 6.12 -14.61 7.74
C SER A 85 4.71 -15.20 7.86
N LYS A 86 4.05 -15.04 9.00
CA LYS A 86 2.69 -15.56 9.13
C LYS A 86 1.83 -14.89 8.05
N VAL A 87 1.08 -15.67 7.29
CA VAL A 87 0.26 -15.10 6.22
C VAL A 87 -1.21 -15.48 6.38
N ASP A 88 -2.06 -14.47 6.50
CA ASP A 88 -3.51 -14.69 6.55
C ASP A 88 -4.18 -14.11 5.31
N PHE A 89 -5.30 -14.72 4.92
CA PHE A 89 -6.03 -14.28 3.76
C PHE A 89 -7.39 -13.75 4.16
N ILE A 90 -7.87 -12.76 3.40
CA ILE A 90 -9.20 -12.19 3.59
C ILE A 90 -9.88 -12.01 2.23
N ILE A 91 -10.84 -12.85 1.88
CA ILE A 91 -11.50 -12.75 0.59
C ILE A 91 -12.71 -11.80 0.67
N GLU A 92 -12.60 -10.66 0.01
CA GLU A 92 -13.72 -9.73 -0.13
C GLU A 92 -14.58 -10.18 -1.31
N ASN A 93 -15.84 -10.50 -1.05
CA ASN A 93 -16.71 -11.02 -2.11
C ASN A 93 -17.43 -9.90 -2.85
N GLU A 94 -17.49 -8.74 -2.22
CA GLU A 94 -17.94 -7.54 -2.86
C GLU A 94 -16.89 -6.44 -2.70
N PRO A 95 -16.80 -5.54 -3.70
CA PRO A 95 -15.85 -4.41 -3.64
C PRO A 95 -16.11 -3.54 -2.41
N LEU A 96 -15.17 -3.53 -1.47
CA LEU A 96 -15.33 -2.72 -0.28
C LEU A 96 -14.69 -1.35 -0.44
N GLY A 97 -13.90 -1.17 -1.50
CA GLY A 97 -13.06 0.02 -1.64
C GLY A 97 -11.84 -0.11 -0.74
N THR A 98 -10.86 0.78 -0.90
CA THR A 98 -9.67 0.75 -0.05
C THR A 98 -10.02 0.97 1.44
N GLY A 99 -10.94 1.88 1.72
CA GLY A 99 -11.31 2.14 3.11
C GLY A 99 -12.06 0.97 3.73
N GLY A 100 -13.04 0.45 3.00
CA GLY A 100 -13.79 -0.71 3.44
C GLY A 100 -12.92 -1.93 3.71
N ALA A 101 -11.89 -2.12 2.89
CA ALA A 101 -10.96 -3.24 3.09
C ALA A 101 -10.12 -3.06 4.35
N ILE A 102 -9.65 -1.84 4.59
CA ILE A 102 -8.91 -1.54 5.84
C ILE A 102 -9.81 -1.73 7.07
N LYS A 103 -11.01 -1.16 7.04
CA LYS A 103 -11.97 -1.36 8.14
C LYS A 103 -12.22 -2.84 8.45
N ASN A 104 -12.46 -3.59 7.40
CA ASN A 104 -12.65 -5.03 7.47
C ASN A 104 -11.46 -5.80 8.06
N ALA A 105 -10.25 -5.34 7.76
CA ALA A 105 -9.03 -5.99 8.26
C ALA A 105 -8.80 -5.75 9.77
N CYS A 106 -9.39 -4.69 10.30
CA CYS A 106 -9.20 -4.28 11.69
C CYS A 106 -9.51 -5.39 12.70
N LYS A 107 -10.51 -6.21 12.40
CA LYS A 107 -10.93 -7.31 13.28
C LYS A 107 -9.79 -8.28 13.62
N TYR A 108 -8.78 -8.34 12.76
CA TYR A 108 -7.70 -9.31 12.91
C TYR A 108 -6.45 -8.74 13.49
N ILE A 109 -6.48 -7.45 13.79
CA ILE A 109 -5.31 -6.86 14.37
C ILE A 109 -5.61 -6.72 15.86
N GLU A 110 -4.73 -7.25 16.69
CA GLU A 110 -4.99 -7.23 18.13
C GLU A 110 -4.34 -6.03 18.76
N ALA A 111 -3.20 -5.60 18.20
CA ALA A 111 -2.55 -4.38 18.65
C ALA A 111 -3.36 -3.16 18.26
N SER A 112 -2.94 -2.00 18.74
CA SER A 112 -3.70 -0.78 18.48
C SER A 112 -3.33 -0.12 17.15
N LYS A 113 -2.15 -0.45 16.61
CA LYS A 113 -1.73 0.14 15.34
C LYS A 113 -1.30 -0.92 14.34
N PHE A 114 -1.37 -0.59 13.04
CA PHE A 114 -0.87 -1.51 12.02
C PHE A 114 -0.49 -0.75 10.75
N ILE A 115 0.13 -1.49 9.82
CA ILE A 115 0.61 -0.94 8.54
C ILE A 115 -0.30 -1.37 7.41
N VAL A 116 -0.62 -0.43 6.51
CA VAL A 116 -1.32 -0.73 5.26
C VAL A 116 -0.45 -0.37 4.06
N ILE A 117 -0.42 -1.24 3.06
CA ILE A 117 0.36 -1.07 1.84
C ILE A 117 -0.47 -1.48 0.64
N ASN A 118 -0.35 -0.75 -0.48
CA ASN A 118 -1.02 -1.13 -1.71
C ASN A 118 -0.24 -2.24 -2.41
N GLY A 119 -0.94 -3.23 -2.94
CA GLY A 119 -0.27 -4.38 -3.50
C GLY A 119 0.30 -4.19 -4.91
N ASP A 120 0.20 -2.99 -5.48
CA ASP A 120 0.83 -2.73 -6.78
C ASP A 120 1.98 -1.73 -6.67
N THR A 121 2.47 -1.57 -5.45
CA THR A 121 3.49 -0.60 -5.10
C THR A 121 4.66 -1.33 -4.48
N TYR A 122 5.89 -0.96 -4.83
CA TYR A 122 7.07 -1.53 -4.20
C TYR A 122 7.98 -0.41 -3.75
N CYS A 123 8.19 -0.32 -2.45
CA CYS A 123 8.99 0.77 -1.89
C CYS A 123 10.00 0.23 -0.89
N GLU A 124 11.29 0.48 -1.14
CA GLU A 124 12.31 -0.02 -0.23
C GLU A 124 12.46 0.90 0.99
N LEU A 125 11.41 0.94 1.80
CA LEU A 125 11.32 1.84 2.95
C LEU A 125 12.05 1.28 4.17
N ASP A 126 12.53 2.18 5.03
CA ASP A 126 13.04 1.77 6.34
C ASP A 126 11.85 1.73 7.31
N TYR A 127 11.29 0.54 7.55
CA TYR A 127 10.05 0.46 8.31
C TYR A 127 10.24 0.76 9.79
N LYS A 128 11.39 0.40 10.34
CA LYS A 128 11.63 0.71 11.75
C LYS A 128 11.64 2.22 11.97
N LYS A 129 12.22 2.97 11.03
CA LYS A 129 12.21 4.43 11.12
C LYS A 129 10.83 5.04 10.84
N PHE A 130 10.08 4.40 9.94
CA PHE A 130 8.69 4.78 9.67
C PHE A 130 7.82 4.64 10.95
N ILE A 131 7.91 3.47 11.58
CA ILE A 131 7.18 3.22 12.82
C ILE A 131 7.53 4.27 13.92
N GLU A 132 8.79 4.65 14.00
CA GLU A 132 9.21 5.62 15.02
C GLU A 132 8.70 7.03 14.73
N SER A 133 8.59 7.41 13.46
CA SER A 133 8.07 8.75 13.15
C SER A 133 6.57 8.82 13.42
N SER A 134 5.94 7.66 13.55
CA SER A 134 4.48 7.59 13.70
C SER A 134 4.00 7.56 15.15
N LEU A 135 4.94 7.55 16.10
CA LEU A 135 4.58 7.39 17.50
C LEU A 135 3.68 8.50 18.04
N ASP A 136 3.84 9.71 17.54
CA ASP A 136 3.02 10.83 17.98
C ASP A 136 1.90 11.18 17.00
N SER A 137 1.39 10.19 16.27
CA SER A 137 0.28 10.43 15.35
C SER A 137 -0.71 9.27 15.37
N ASP A 138 -1.93 9.51 14.91
CA ASP A 138 -2.89 8.43 14.76
C ASP A 138 -2.92 7.94 13.30
N LEU A 139 -2.35 8.75 12.40
CA LEU A 139 -2.20 8.35 11.01
C LEU A 139 -0.93 8.96 10.41
N GLN A 140 -0.10 8.11 9.82
CA GLN A 140 1.14 8.54 9.19
C GLN A 140 1.19 7.95 7.79
N ILE A 141 1.57 8.76 6.81
CA ILE A 141 1.71 8.29 5.42
C ILE A 141 3.17 8.35 4.98
N SER A 142 3.60 7.42 4.15
CA SER A 142 4.94 7.45 3.59
C SER A 142 4.97 8.27 2.29
N GLY A 143 5.81 9.29 2.25
CA GLY A 143 5.99 10.08 1.04
C GLY A 143 7.40 9.96 0.50
N VAL A 144 7.52 9.88 -0.82
CA VAL A 144 8.83 9.72 -1.45
C VAL A 144 9.20 10.94 -2.28
N GLU A 145 10.29 11.61 -1.90
CA GLU A 145 10.78 12.77 -2.65
C GLU A 145 11.32 12.41 -4.02
N VAL A 146 10.86 13.09 -5.06
CA VAL A 146 11.37 12.88 -6.41
C VAL A 146 11.54 14.20 -7.16
N ASP A 147 12.32 14.16 -8.26
CA ASP A 147 12.56 15.33 -9.10
C ASP A 147 11.37 15.64 -10.00
N ASP A 148 10.68 14.59 -10.43
CA ASP A 148 9.52 14.76 -11.30
C ASP A 148 8.38 13.87 -10.81
N VAL A 149 7.38 14.49 -10.21
CA VAL A 149 6.27 13.77 -9.61
C VAL A 149 5.15 13.56 -10.62
N CYS A 150 5.40 13.97 -11.87
CA CYS A 150 4.42 13.96 -12.96
C CYS A 150 3.49 12.74 -13.07
N ARG A 151 4.07 11.53 -13.05
CA ARG A 151 3.29 10.31 -13.27
C ARG A 151 2.55 9.82 -12.03
N TYR A 152 2.78 10.47 -10.89
CA TYR A 152 2.32 10.00 -9.59
C TYR A 152 1.32 10.92 -8.90
N GLY A 153 0.48 10.34 -8.05
CA GLY A 153 -0.27 11.13 -7.09
C GLY A 153 0.72 11.71 -6.08
N SER A 154 0.45 12.88 -5.53
CA SER A 154 1.41 13.50 -4.64
C SER A 154 0.78 14.07 -3.38
N LEU A 155 1.63 14.50 -2.46
CA LEU A 155 1.19 15.01 -1.17
C LEU A 155 1.47 16.49 -1.01
N ASP A 156 0.47 17.22 -0.52
CA ASP A 156 0.60 18.63 -0.20
C ASP A 156 0.71 18.72 1.33
N ILE A 157 1.93 18.99 1.81
CA ILE A 157 2.20 18.98 3.24
C ILE A 157 2.84 20.30 3.70
N ASP A 158 2.67 20.64 4.98
CA ASP A 158 3.20 21.92 5.46
C ASP A 158 4.59 21.74 6.07
N HIS A 159 5.12 22.80 6.68
CA HIS A 159 6.49 22.78 7.18
C HIS A 159 6.66 21.98 8.47
N ASP A 160 5.56 21.48 9.03
CA ASP A 160 5.63 20.47 10.10
C ASP A 160 5.27 19.05 9.58
N PHE A 161 5.15 18.92 8.26
CA PHE A 161 4.80 17.68 7.55
C PHE A 161 3.38 17.19 7.88
N HIS A 162 2.52 18.09 8.38
CA HIS A 162 1.08 17.81 8.45
C HIS A 162 0.55 17.65 7.05
N VAL A 163 -0.26 16.63 6.80
CA VAL A 163 -0.73 16.47 5.43
C VAL A 163 -1.99 17.31 5.24
N ASN A 164 -1.92 18.25 4.32
CA ASN A 164 -3.03 19.15 4.05
C ASN A 164 -3.97 18.54 3.00
N SER A 165 -3.39 17.93 1.96
CA SER A 165 -4.20 17.22 0.99
C SER A 165 -3.44 16.22 0.15
N ILE A 166 -4.21 15.29 -0.40
CA ILE A 166 -3.70 14.30 -1.34
C ILE A 166 -4.00 14.81 -2.72
N VAL A 167 -2.95 14.97 -3.53
CA VAL A 167 -3.05 15.66 -4.80
C VAL A 167 -3.06 14.65 -5.94
N GLU A 168 -4.01 14.78 -6.86
CA GLU A 168 -4.11 13.84 -7.98
C GLU A 168 -2.95 14.02 -8.95
N LYS A 169 -2.60 12.95 -9.65
CA LYS A 169 -1.49 12.98 -10.60
C LYS A 169 -1.69 13.99 -11.73
N GLY A 170 -0.59 14.49 -12.27
CA GLY A 170 -0.65 15.46 -13.36
C GLY A 170 0.21 16.69 -13.20
N HIS A 171 0.57 17.01 -11.96
CA HIS A 171 1.40 18.16 -11.67
C HIS A 171 2.86 17.82 -11.95
N GLN A 172 3.53 18.65 -12.73
CA GLN A 172 4.93 18.41 -13.08
C GLN A 172 5.89 19.12 -12.12
N GLY A 173 7.13 18.65 -12.09
CA GLY A 173 8.14 19.26 -11.25
C GLY A 173 8.48 18.44 -10.01
N THR A 174 9.23 19.06 -9.11
CA THR A 174 9.63 18.44 -7.86
C THR A 174 8.41 18.11 -7.01
N GLY A 175 8.48 17.05 -6.23
CA GLY A 175 7.36 16.67 -5.40
C GLY A 175 7.55 15.45 -4.51
N ILE A 176 6.52 15.19 -3.71
CA ILE A 176 6.51 14.06 -2.81
C ILE A 176 5.42 13.09 -3.26
N ILE A 177 5.82 11.91 -3.70
CA ILE A 177 4.89 10.88 -4.15
C ILE A 177 4.05 10.34 -3.01
N ASN A 178 2.74 10.25 -3.25
CA ASN A 178 1.86 9.47 -2.38
C ASN A 178 2.08 7.96 -2.59
N SER A 179 2.82 7.33 -1.67
CA SER A 179 3.14 5.92 -1.77
C SER A 179 1.97 4.98 -1.50
N GLY A 180 0.87 5.49 -0.93
CA GLY A 180 -0.24 4.67 -0.47
C GLY A 180 0.07 3.77 0.73
N THR A 181 1.23 3.98 1.36
CA THR A 181 1.59 3.19 2.53
C THR A 181 1.34 4.01 3.81
N TYR A 182 0.59 3.43 4.76
CA TYR A 182 0.20 4.13 5.99
C TYR A 182 0.51 3.33 7.25
N ILE A 183 0.69 4.05 8.36
CA ILE A 183 0.57 3.45 9.69
C ILE A 183 -0.60 4.14 10.39
N LEU A 184 -1.55 3.37 10.89
CA LEU A 184 -2.70 3.97 11.55
C LEU A 184 -3.10 3.27 12.84
N SER A 185 -3.79 4.02 13.69
CA SER A 185 -4.35 3.48 14.91
C SER A 185 -5.70 2.93 14.47
N LYS A 186 -5.96 1.64 14.68
CA LYS A 186 -7.23 1.04 14.26
C LYS A 186 -8.53 1.78 14.64
N LYS A 187 -8.45 2.47 15.78
CA LYS A 187 -9.56 3.21 16.35
C LYS A 187 -10.11 4.29 15.44
N ILE A 188 -9.31 4.83 14.54
CA ILE A 188 -9.85 5.88 13.69
C ILE A 188 -10.81 5.36 12.61
N ILE A 189 -10.63 4.11 12.18
CA ILE A 189 -11.49 3.59 11.11
C ILE A 189 -12.32 2.34 11.47
N GLU A 190 -11.93 1.64 12.51
CA GLU A 190 -12.68 0.45 12.94
C GLU A 190 -14.21 0.57 12.92
N ASP A 191 -14.75 1.68 13.43
CA ASP A 191 -16.19 1.88 13.48
C ASP A 191 -16.68 2.91 12.46
N TYR A 192 -16.01 3.04 11.32
CA TYR A 192 -16.48 3.96 10.29
C TYR A 192 -17.91 3.55 9.92
N PRO A 193 -18.82 4.51 9.87
CA PRO A 193 -20.23 4.22 9.55
C PRO A 193 -20.57 3.42 8.29
N HIS A 194 -19.78 3.62 7.24
CA HIS A 194 -19.87 2.82 6.00
C HIS A 194 -18.95 1.58 5.98
N ASP A 195 -19.41 0.57 5.27
CA ASP A 195 -18.69 -0.66 5.06
C ASP A 195 -17.94 -0.52 3.73
N LYS A 196 -18.54 0.20 2.77
CA LYS A 196 -17.85 0.40 1.50
C LYS A 196 -17.52 1.88 1.33
N PHE A 197 -16.24 2.18 1.13
CA PHE A 197 -15.77 3.55 0.94
C PHE A 197 -14.30 3.57 0.52
N SER A 198 -13.87 4.71 -0.03
CA SER A 198 -12.47 4.96 -0.41
C SER A 198 -11.71 5.57 0.76
N PHE A 199 -10.53 5.04 1.07
CA PHE A 199 -9.74 5.63 2.16
C PHE A 199 -9.33 7.08 1.79
N GLU A 200 -8.77 7.28 0.61
CA GLU A 200 -8.25 8.62 0.28
C GLU A 200 -9.35 9.61 -0.12
N LEU A 201 -10.42 9.14 -0.78
CA LEU A 201 -11.45 10.06 -1.28
C LEU A 201 -12.61 10.29 -0.29
N ASP A 202 -12.89 9.31 0.57
CA ASP A 202 -14.00 9.40 1.53
C ASP A 202 -13.55 9.60 2.97
N PHE A 203 -12.53 8.87 3.40
CA PHE A 203 -12.13 8.90 4.81
C PHE A 203 -11.26 10.10 5.16
N LEU A 204 -10.20 10.32 4.38
CA LEU A 204 -9.23 11.34 4.71
C LEU A 204 -9.78 12.77 4.76
N PRO A 205 -10.68 13.16 3.83
CA PRO A 205 -11.21 14.53 3.98
C PRO A 205 -12.02 14.74 5.27
N LYS A 206 -12.54 13.66 5.86
CA LYS A 206 -13.29 13.75 7.10
C LYS A 206 -12.43 13.64 8.36
N PHE A 207 -11.27 12.98 8.24
CA PHE A 207 -10.44 12.69 9.39
C PHE A 207 -9.88 13.96 10.03
N THR A 208 -10.09 14.10 11.34
CA THR A 208 -9.71 15.32 12.06
C THR A 208 -8.53 15.15 13.02
N GLY A 209 -7.99 13.94 13.12
CA GLY A 209 -6.86 13.70 14.01
C GLY A 209 -5.53 14.11 13.37
N VAL A 210 -4.45 13.82 14.09
CA VAL A 210 -3.09 14.15 13.66
C VAL A 210 -2.66 13.26 12.50
N PHE A 211 -2.38 13.89 11.36
CA PHE A 211 -2.06 13.18 10.11
C PHE A 211 -0.77 13.76 9.52
N LYS A 212 0.33 13.05 9.66
CA LYS A 212 1.63 13.54 9.18
C LYS A 212 2.29 12.62 8.14
N ALA A 213 3.26 13.17 7.41
CA ALA A 213 4.05 12.38 6.45
C ALA A 213 5.45 12.07 6.95
N PHE A 214 5.85 10.83 6.76
CA PHE A 214 7.23 10.37 6.83
C PHE A 214 7.81 10.46 5.43
N VAL A 215 8.79 11.35 5.24
CA VAL A 215 9.28 11.68 3.90
C VAL A 215 10.71 11.18 3.68
N THR A 216 10.90 10.31 2.70
CA THR A 216 12.24 9.78 2.40
C THR A 216 12.50 9.82 0.91
N LYS A 217 13.71 9.37 0.52
CA LYS A 217 14.05 9.24 -0.88
C LYS A 217 14.16 7.77 -1.26
N ALA A 218 13.37 6.92 -0.63
CA ALA A 218 13.36 5.48 -0.89
C ALA A 218 13.08 5.13 -2.35
N TYR A 219 13.74 4.07 -2.84
CA TYR A 219 13.41 3.45 -4.11
C TYR A 219 11.91 3.16 -4.13
N PHE A 220 11.25 3.57 -5.21
CA PHE A 220 9.81 3.40 -5.32
C PHE A 220 9.39 3.07 -6.75
N ILE A 221 8.57 2.04 -6.91
CA ILE A 221 7.96 1.77 -8.20
C ILE A 221 6.47 1.46 -8.07
N ASP A 222 5.71 1.95 -9.03
CA ASP A 222 4.27 1.68 -9.10
C ASP A 222 4.04 0.92 -10.40
N ILE A 223 3.59 -0.32 -10.28
CA ILE A 223 3.54 -1.26 -11.39
C ILE A 223 2.45 -0.93 -12.44
N GLY A 224 1.57 -0.01 -12.11
CA GLY A 224 0.57 0.48 -13.04
C GLY A 224 1.12 1.53 -13.99
N ILE A 225 2.36 1.94 -13.76
CA ILE A 225 3.06 2.87 -14.64
C ILE A 225 4.03 2.08 -15.50
N PRO A 226 3.88 2.17 -16.84
CA PRO A 226 4.71 1.38 -17.76
C PRO A 226 6.21 1.51 -17.50
N GLU A 227 6.70 2.74 -17.32
CA GLU A 227 8.13 2.95 -17.07
C GLU A 227 8.66 2.29 -15.78
N ASP A 228 7.84 2.25 -14.74
CA ASP A 228 8.24 1.55 -13.50
C ASP A 228 8.18 0.04 -13.66
N TYR A 229 7.23 -0.44 -14.45
CA TYR A 229 7.14 -1.85 -14.78
C TYR A 229 8.43 -2.34 -15.47
N TYR A 230 8.91 -1.59 -16.47
CA TYR A 230 10.16 -1.95 -17.15
C TYR A 230 11.35 -1.83 -16.21
N LYS A 231 11.35 -0.76 -15.41
CA LYS A 231 12.36 -0.55 -14.39
C LYS A 231 12.49 -1.75 -13.46
N ALA A 232 11.35 -2.26 -13.01
CA ALA A 232 11.33 -3.37 -12.06
C ALA A 232 11.94 -4.63 -12.67
N CYS A 233 11.51 -4.96 -13.89
CA CYS A 233 11.99 -6.16 -14.57
C CYS A 233 13.50 -6.07 -14.75
N GLU A 234 14.01 -4.89 -15.11
CA GLU A 234 15.45 -4.69 -15.27
C GLU A 234 16.19 -4.81 -13.93
N LYS A 235 15.61 -4.23 -12.87
CA LYS A 235 16.19 -4.23 -11.53
C LYS A 235 16.49 -5.59 -10.92
N PHE A 236 15.38 -6.40 -11.14
CA PHE A 236 15.47 -7.77 -10.64
C PHE A 236 16.19 -8.80 -11.51
N LYS A 237 16.90 -8.32 -12.52
CA LYS A 237 17.62 -9.20 -13.44
C LYS A 237 17.02 -9.18 -14.83
S SO4 B . 15.46 -13.95 -7.88
O1 SO4 B . 16.92 -13.89 -7.95
O2 SO4 B . 14.89 -13.46 -9.12
O3 SO4 B . 15.05 -15.32 -7.66
O4 SO4 B . 15.02 -13.09 -6.78
S SO4 C . -22.57 0.81 3.20
O1 SO4 C . -21.28 0.92 2.51
O2 SO4 C . -23.38 1.97 2.86
O3 SO4 C . -23.24 -0.39 2.74
O4 SO4 C . -22.40 0.73 4.65
S SO4 D . -9.01 5.08 -4.57
O1 SO4 D . -8.54 3.77 -5.03
O2 SO4 D . -9.24 5.95 -5.72
O3 SO4 D . -10.28 4.90 -3.84
O4 SO4 D . -8.00 5.66 -3.68
S SO4 E . -9.94 -5.15 -9.21
O1 SO4 E . -9.13 -5.72 -10.30
O2 SO4 E . -9.97 -3.67 -9.34
O3 SO4 E . -11.32 -5.67 -9.30
O4 SO4 E . -9.36 -5.51 -7.91
#